data_2E2N
#
_entry.id   2E2N
#
_cell.length_a   82.897
_cell.length_b   50.184
_cell.length_c   83.269
_cell.angle_alpha   90.00
_cell.angle_beta   114.69
_cell.angle_gamma   90.00
#
_symmetry.space_group_name_H-M   'P 1 21 1'
#
loop_
_entity.id
_entity.type
_entity.pdbx_description
1 polymer HEXOKINASE
2 non-polymer 'SULFATE ION'
3 non-polymer '4-(2-HYDROXYETHYL)-1-PIPERAZINE ETHANESULFONIC ACID'
4 water water
#
_entity_poly.entity_id   1
_entity_poly.type   'polypeptide(L)'
_entity_poly.pdbx_seq_one_letter_code
;MMIIVGVDAGGTKTKAVAYDCEGNFIGEGSSGPGNYHNVGLTRAIENIKEAVKIAAKGEADVVGMGVAGLDSKFDWENFT
PLASLIAPKVIIQHDGVIALFAETLGEPGVVVIAGTGSVVEGYNGKEFLRVGGRGWLLSDDGSAYWVGRKALRKVLKMMD
GLENKTILYNKVLKTINVKDLDELVMWSYTSSCQIDLVASIAKAVDEAANEGDTVAMDILKQGAELLASQAVYLARKIGT
NKVYLKGGMFRSNIYHKFFTLYLEKEGIISDLGKRSPEIGAVILAYKEVGCDIKKLISD
;
_entity_poly.pdbx_strand_id   A,B
#
# COMPACT_ATOMS: atom_id res chain seq x y z
N MET A 1 -47.16 3.45 21.01
CA MET A 1 -46.01 3.66 21.95
C MET A 1 -44.83 4.27 21.21
N MET A 2 -43.66 4.25 21.83
CA MET A 2 -42.46 4.79 21.20
C MET A 2 -41.77 3.71 20.38
N ILE A 3 -41.42 4.04 19.15
CA ILE A 3 -40.76 3.09 18.27
C ILE A 3 -39.28 3.48 18.16
N ILE A 4 -38.42 2.59 18.63
CA ILE A 4 -36.98 2.80 18.63
C ILE A 4 -36.32 1.84 17.65
N VAL A 5 -35.51 2.38 16.74
CA VAL A 5 -34.84 1.57 15.74
C VAL A 5 -33.32 1.64 15.83
N GLY A 6 -32.67 0.47 15.84
CA GLY A 6 -31.23 0.41 15.89
C GLY A 6 -30.76 0.03 14.50
N VAL A 7 -29.82 0.78 13.95
CA VAL A 7 -29.33 0.52 12.60
C VAL A 7 -27.82 0.32 12.48
N ASP A 8 -27.44 -0.69 11.72
CA ASP A 8 -26.02 -0.96 11.46
C ASP A 8 -25.87 -0.70 9.96
N ALA A 9 -25.39 0.49 9.62
CA ALA A 9 -25.21 0.88 8.22
C ALA A 9 -23.78 0.60 7.77
N GLY A 10 -23.59 -0.53 7.10
CA GLY A 10 -22.27 -0.94 6.65
C GLY A 10 -21.92 -0.72 5.19
N GLY A 11 -20.75 -1.18 4.80
CA GLY A 11 -20.29 -1.01 3.43
C GLY A 11 -20.96 -1.92 2.42
N THR A 12 -21.55 -3.01 2.89
CA THR A 12 -22.21 -3.97 2.01
C THR A 12 -23.74 -3.93 2.12
N LYS A 13 -24.23 -3.79 3.34
CA LYS A 13 -25.67 -3.74 3.57
C LYS A 13 -26.01 -2.98 4.83
N THR A 14 -27.28 -2.68 5.01
CA THR A 14 -27.75 -1.96 6.18
C THR A 14 -28.83 -2.82 6.86
N LYS A 15 -28.63 -3.08 8.15
CA LYS A 15 -29.58 -3.87 8.92
C LYS A 15 -30.21 -3.05 10.02
N ALA A 16 -31.52 -3.19 10.18
CA ALA A 16 -32.25 -2.45 11.19
C ALA A 16 -33.18 -3.34 12.01
N VAL A 17 -33.30 -3.06 13.30
CA VAL A 17 -34.20 -3.79 14.18
C VAL A 17 -34.96 -2.76 14.99
N ALA A 18 -36.26 -2.98 15.15
CA ALA A 18 -37.10 -2.05 15.90
C ALA A 18 -37.66 -2.66 17.17
N TYR A 19 -37.76 -1.84 18.21
CA TYR A 19 -38.28 -2.25 19.51
C TYR A 19 -39.04 -1.08 20.09
N ASP A 20 -39.88 -1.34 21.09
CA ASP A 20 -40.55 -0.23 21.75
C ASP A 20 -39.62 0.11 22.90
N CYS A 21 -40.09 0.91 23.85
CA CYS A 21 -39.24 1.32 24.98
C CYS A 21 -39.28 0.30 26.11
N GLU A 22 -40.12 -0.72 25.97
CA GLU A 22 -40.26 -1.76 26.98
C GLU A 22 -39.54 -3.06 26.60
N GLY A 23 -38.65 -2.99 25.62
CA GLY A 23 -37.90 -4.16 25.21
C GLY A 23 -38.62 -5.14 24.30
N ASN A 24 -39.79 -4.77 23.81
CA ASN A 24 -40.55 -5.64 22.92
C ASN A 24 -40.13 -5.49 21.46
N PHE A 25 -39.81 -6.61 20.81
CA PHE A 25 -39.41 -6.60 19.41
C PHE A 25 -40.58 -6.18 18.55
N ILE A 26 -40.32 -5.32 17.57
CA ILE A 26 -41.35 -4.84 16.66
C ILE A 26 -41.13 -5.41 15.26
N GLY A 27 -39.89 -5.38 14.80
CA GLY A 27 -39.59 -5.90 13.47
C GLY A 27 -38.17 -5.63 13.04
N GLU A 28 -37.82 -6.12 11.86
CA GLU A 28 -36.48 -5.94 11.32
C GLU A 28 -36.53 -5.71 9.81
N GLY A 29 -35.51 -5.02 9.31
CA GLY A 29 -35.44 -4.73 7.89
C GLY A 29 -34.01 -4.61 7.42
N SER A 30 -33.82 -4.68 6.11
CA SER A 30 -32.49 -4.58 5.51
C SER A 30 -32.51 -3.81 4.20
N SER A 31 -31.39 -3.21 3.87
CA SER A 31 -31.25 -2.44 2.63
C SER A 31 -29.80 -2.50 2.17
N GLY A 32 -29.50 -1.75 1.12
CA GLY A 32 -28.15 -1.73 0.57
C GLY A 32 -27.16 -1.01 1.48
N PRO A 33 -25.92 -0.78 1.00
CA PRO A 33 -24.85 -0.11 1.75
C PRO A 33 -25.26 1.19 2.42
N GLY A 34 -24.74 1.39 3.63
CA GLY A 34 -25.00 2.61 4.38
C GLY A 34 -23.75 3.47 4.37
N ASN A 35 -22.68 2.94 3.80
CA ASN A 35 -21.41 3.66 3.70
C ASN A 35 -21.49 4.53 2.46
N TYR A 36 -21.65 5.84 2.66
CA TYR A 36 -21.78 6.76 1.54
C TYR A 36 -20.59 6.82 0.59
N HIS A 37 -19.45 6.27 1.00
CA HIS A 37 -18.28 6.26 0.14
C HIS A 37 -18.46 5.20 -0.94
N ASN A 38 -19.32 4.23 -0.66
CA ASN A 38 -19.58 3.14 -1.60
C ASN A 38 -20.73 3.38 -2.56
N VAL A 39 -21.74 4.14 -2.14
CA VAL A 39 -22.90 4.37 -2.99
C VAL A 39 -23.30 5.84 -3.15
N GLY A 40 -22.53 6.74 -2.55
CA GLY A 40 -22.86 8.15 -2.63
C GLY A 40 -23.73 8.54 -1.45
N LEU A 41 -23.70 9.82 -1.09
CA LEU A 41 -24.46 10.34 0.04
C LEU A 41 -25.97 10.06 -0.01
N THR A 42 -26.64 10.57 -1.03
CA THR A 42 -28.08 10.38 -1.17
C THR A 42 -28.53 8.92 -1.10
N ARG A 43 -27.86 8.04 -1.83
CA ARG A 43 -28.22 6.64 -1.84
C ARG A 43 -28.01 5.97 -0.47
N ALA A 44 -26.96 6.38 0.23
CA ALA A 44 -26.69 5.81 1.55
C ALA A 44 -27.81 6.17 2.51
N ILE A 45 -28.21 7.45 2.49
CA ILE A 45 -29.27 7.95 3.34
C ILE A 45 -30.57 7.23 2.98
N GLU A 46 -30.77 7.05 1.68
CA GLU A 46 -31.96 6.38 1.16
C GLU A 46 -32.04 4.93 1.67
N ASN A 47 -30.90 4.23 1.66
CA ASN A 47 -30.87 2.85 2.14
C ASN A 47 -31.15 2.77 3.64
N ILE A 48 -30.54 3.66 4.40
CA ILE A 48 -30.75 3.66 5.85
C ILE A 48 -32.23 3.92 6.15
N LYS A 49 -32.81 4.90 5.45
CA LYS A 49 -34.22 5.22 5.66
C LYS A 49 -35.10 4.00 5.36
N GLU A 50 -34.82 3.31 4.25
CA GLU A 50 -35.60 2.14 3.86
C GLU A 50 -35.56 1.06 4.94
N ALA A 51 -34.35 0.73 5.39
CA ALA A 51 -34.18 -0.29 6.42
C ALA A 51 -34.99 0.09 7.66
N VAL A 52 -34.89 1.34 8.07
CA VAL A 52 -35.61 1.82 9.24
C VAL A 52 -37.12 1.67 9.05
N LYS A 53 -37.62 2.14 7.90
CA LYS A 53 -39.05 2.08 7.62
C LYS A 53 -39.59 0.65 7.64
N ILE A 54 -38.82 -0.29 7.08
CA ILE A 54 -39.23 -1.69 7.05
C ILE A 54 -39.31 -2.29 8.45
N ALA A 55 -38.28 -2.05 9.25
CA ALA A 55 -38.25 -2.59 10.61
C ALA A 55 -39.36 -2.01 11.48
N ALA A 56 -39.55 -0.69 11.38
CA ALA A 56 -40.57 0.00 12.17
C ALA A 56 -41.95 -0.14 11.57
N LYS A 57 -42.03 -0.61 10.33
CA LYS A 57 -43.31 -0.76 9.65
C LYS A 57 -44.00 0.61 9.62
N GLY A 58 -43.20 1.63 9.31
CA GLY A 58 -43.70 2.98 9.25
C GLY A 58 -42.65 3.94 9.80
N GLU A 59 -43.09 5.04 10.39
CA GLU A 59 -42.17 6.02 10.94
C GLU A 59 -41.63 5.59 12.30
N ALA A 60 -40.41 6.02 12.59
CA ALA A 60 -39.77 5.69 13.86
C ALA A 60 -39.70 6.96 14.70
N ASP A 61 -39.74 6.80 16.02
CA ASP A 61 -39.66 7.95 16.91
C ASP A 61 -38.20 8.28 17.21
N VAL A 62 -37.41 7.23 17.40
CA VAL A 62 -36.00 7.36 17.72
C VAL A 62 -35.17 6.38 16.89
N VAL A 63 -34.04 6.86 16.37
CA VAL A 63 -33.17 6.02 15.57
C VAL A 63 -31.71 6.15 16.01
N GLY A 64 -31.14 5.02 16.40
CA GLY A 64 -29.74 4.99 16.78
C GLY A 64 -29.04 4.28 15.64
N MET A 65 -27.98 4.86 15.11
CA MET A 65 -27.29 4.22 13.99
C MET A 65 -25.78 4.18 14.12
N GLY A 66 -25.20 3.07 13.68
CA GLY A 66 -23.76 2.90 13.67
C GLY A 66 -23.46 2.95 12.19
N VAL A 67 -22.68 3.93 11.77
CA VAL A 67 -22.38 4.12 10.36
C VAL A 67 -20.90 3.92 9.99
N ALA A 68 -20.67 3.19 8.91
CA ALA A 68 -19.30 2.96 8.44
C ALA A 68 -18.95 4.09 7.48
N GLY A 69 -17.67 4.48 7.46
CA GLY A 69 -17.23 5.52 6.54
C GLY A 69 -17.09 6.93 7.09
N LEU A 70 -17.51 7.17 8.33
CA LEU A 70 -17.40 8.50 8.92
C LEU A 70 -16.04 8.57 9.61
N ASP A 71 -14.98 8.51 8.82
CA ASP A 71 -13.63 8.50 9.35
C ASP A 71 -12.91 9.85 9.41
N SER A 72 -13.63 10.93 9.10
CA SER A 72 -13.06 12.28 9.16
C SER A 72 -14.19 13.24 9.48
N LYS A 73 -13.87 14.39 10.08
CA LYS A 73 -14.88 15.39 10.42
C LYS A 73 -15.67 15.78 9.18
N PHE A 74 -15.03 15.77 8.01
CA PHE A 74 -15.68 16.14 6.77
C PHE A 74 -16.81 15.18 6.46
N ASP A 75 -16.60 13.91 6.75
CA ASP A 75 -17.61 12.89 6.52
C ASP A 75 -18.83 13.17 7.39
N TRP A 76 -18.61 13.41 8.67
CA TRP A 76 -19.70 13.70 9.59
C TRP A 76 -20.49 14.93 9.12
N GLU A 77 -19.78 15.96 8.69
CA GLU A 77 -20.43 17.18 8.22
C GLU A 77 -21.29 16.93 6.98
N ASN A 78 -20.87 15.96 6.16
CA ASN A 78 -21.62 15.61 4.95
C ASN A 78 -22.85 14.77 5.27
N PHE A 79 -22.66 13.81 6.18
CA PHE A 79 -23.69 12.84 6.57
C PHE A 79 -24.75 13.30 7.57
N THR A 80 -24.31 13.79 8.72
CA THR A 80 -25.21 14.21 9.80
C THR A 80 -26.45 15.04 9.43
N PRO A 81 -26.27 16.13 8.67
CA PRO A 81 -27.40 16.97 8.28
C PRO A 81 -28.59 16.20 7.68
N LEU A 82 -28.29 15.27 6.78
CA LEU A 82 -29.35 14.50 6.14
C LEU A 82 -29.86 13.34 6.99
N ALA A 83 -28.94 12.60 7.59
CA ALA A 83 -29.31 11.45 8.41
C ALA A 83 -30.23 11.85 9.58
N SER A 84 -30.00 13.05 10.11
CA SER A 84 -30.81 13.54 11.23
C SER A 84 -32.28 13.71 10.86
N LEU A 85 -32.55 13.77 9.55
CA LEU A 85 -33.93 13.93 9.08
C LEU A 85 -34.73 12.63 9.13
N ILE A 86 -34.05 11.49 9.23
CA ILE A 86 -34.73 10.21 9.25
C ILE A 86 -35.79 10.04 10.34
N ALA A 87 -35.60 10.68 11.48
CA ALA A 87 -36.56 10.61 12.58
C ALA A 87 -36.40 11.83 13.48
N PRO A 88 -37.41 12.14 14.32
CA PRO A 88 -37.35 13.29 15.22
C PRO A 88 -36.10 13.28 16.08
N LYS A 89 -35.69 12.09 16.51
CA LYS A 89 -34.48 11.95 17.32
C LYS A 89 -33.59 10.91 16.68
N VAL A 90 -32.37 11.31 16.35
CA VAL A 90 -31.40 10.41 15.74
C VAL A 90 -30.05 10.53 16.44
N ILE A 91 -29.49 9.39 16.82
CA ILE A 91 -28.18 9.36 17.45
C ILE A 91 -27.25 8.66 16.46
N ILE A 92 -26.17 9.34 16.06
CA ILE A 92 -25.23 8.78 15.09
C ILE A 92 -23.84 8.56 15.65
N GLN A 93 -23.29 7.37 15.42
CA GLN A 93 -21.95 7.03 15.88
C GLN A 93 -21.28 6.12 14.85
N HIS A 94 -20.01 5.81 15.09
CA HIS A 94 -19.26 4.93 14.19
C HIS A 94 -19.85 3.52 14.29
N ASP A 95 -19.72 2.74 13.22
CA ASP A 95 -20.21 1.38 13.22
C ASP A 95 -19.53 0.59 14.33
N GLY A 96 -18.28 0.94 14.62
CA GLY A 96 -17.54 0.26 15.66
C GLY A 96 -18.10 0.54 17.04
N VAL A 97 -18.71 1.70 17.21
CA VAL A 97 -19.29 2.08 18.49
C VAL A 97 -20.48 1.22 18.87
N ILE A 98 -21.38 0.95 17.92
CA ILE A 98 -22.53 0.12 18.26
C ILE A 98 -22.10 -1.33 18.48
N ALA A 99 -20.99 -1.73 17.85
CA ALA A 99 -20.48 -3.09 18.05
C ALA A 99 -19.98 -3.20 19.49
N LEU A 100 -19.44 -2.11 20.01
CA LEU A 100 -18.93 -2.07 21.38
C LEU A 100 -20.09 -2.09 22.36
N PHE A 101 -21.07 -1.22 22.15
CA PHE A 101 -22.23 -1.15 23.04
C PHE A 101 -23.06 -2.43 23.05
N ALA A 102 -22.99 -3.18 21.96
CA ALA A 102 -23.74 -4.44 21.89
C ALA A 102 -23.21 -5.34 23.01
N GLU A 103 -21.96 -5.15 23.38
CA GLU A 103 -21.35 -5.96 24.44
C GLU A 103 -21.29 -5.28 25.80
N THR A 104 -20.95 -3.99 25.83
CA THR A 104 -20.86 -3.28 27.11
C THR A 104 -22.20 -2.79 27.64
N LEU A 105 -23.23 -2.89 26.79
CA LEU A 105 -24.57 -2.45 27.15
C LEU A 105 -24.60 -0.96 27.47
N GLY A 106 -23.74 -0.19 26.80
CA GLY A 106 -23.69 1.25 27.01
C GLY A 106 -22.66 1.71 28.03
N GLU A 107 -21.95 0.76 28.65
CA GLU A 107 -20.93 1.09 29.65
C GLU A 107 -19.57 1.27 29.00
N PRO A 108 -18.60 1.83 29.76
CA PRO A 108 -17.25 2.04 29.22
C PRO A 108 -16.65 0.71 28.77
N GLY A 109 -15.80 0.78 27.75
CA GLY A 109 -15.16 -0.42 27.25
C GLY A 109 -14.36 -0.17 25.99
N VAL A 110 -13.72 -1.22 25.48
CA VAL A 110 -12.92 -1.13 24.28
C VAL A 110 -13.21 -2.34 23.40
N VAL A 111 -13.28 -2.13 22.09
CA VAL A 111 -13.52 -3.23 21.18
C VAL A 111 -12.55 -3.12 20.01
N VAL A 112 -12.05 -4.26 19.56
CA VAL A 112 -11.13 -4.31 18.44
C VAL A 112 -11.90 -4.96 17.30
N ILE A 113 -11.95 -4.30 16.15
CA ILE A 113 -12.65 -4.86 15.00
C ILE A 113 -11.59 -5.08 13.92
N ALA A 114 -11.23 -6.34 13.69
CA ALA A 114 -10.22 -6.66 12.71
C ALA A 114 -10.77 -7.55 11.62
N GLY A 115 -11.05 -6.95 10.47
CA GLY A 115 -11.59 -7.67 9.33
C GLY A 115 -10.77 -7.24 8.12
N THR A 116 -11.42 -6.69 7.11
CA THR A 116 -10.71 -6.22 5.92
C THR A 116 -9.78 -5.09 6.34
N GLY A 117 -10.26 -4.28 7.26
CA GLY A 117 -9.47 -3.18 7.80
C GLY A 117 -9.41 -3.47 9.30
N SER A 118 -8.91 -2.53 10.10
CA SER A 118 -8.87 -2.75 11.54
C SER A 118 -9.02 -1.42 12.26
N VAL A 119 -9.49 -1.47 13.49
CA VAL A 119 -9.66 -0.27 14.30
C VAL A 119 -9.89 -0.68 15.75
N VAL A 120 -9.63 0.25 16.66
CA VAL A 120 -9.89 0.01 18.07
C VAL A 120 -10.78 1.18 18.50
N GLU A 121 -11.97 0.85 19.00
CA GLU A 121 -12.93 1.87 19.43
C GLU A 121 -13.15 1.77 20.93
N GLY A 122 -13.38 2.91 21.57
CA GLY A 122 -13.59 2.89 23.01
C GLY A 122 -14.56 3.95 23.49
N TYR A 123 -15.09 3.76 24.69
CA TYR A 123 -16.02 4.70 25.32
C TYR A 123 -15.61 4.81 26.78
N ASN A 124 -15.44 6.04 27.27
CA ASN A 124 -15.05 6.22 28.65
C ASN A 124 -16.15 6.77 29.56
N GLY A 125 -17.38 6.79 29.05
CA GLY A 125 -18.49 7.29 29.85
C GLY A 125 -18.79 8.74 29.57
N LYS A 126 -17.87 9.40 28.86
CA LYS A 126 -18.03 10.81 28.52
C LYS A 126 -17.90 11.04 27.03
N GLU A 127 -17.02 10.27 26.39
CA GLU A 127 -16.79 10.43 24.96
C GLU A 127 -16.28 9.15 24.32
N PHE A 128 -16.28 9.13 22.99
CA PHE A 128 -15.82 7.98 22.25
C PHE A 128 -14.43 8.27 21.71
N LEU A 129 -13.54 7.28 21.84
CA LEU A 129 -12.16 7.41 21.40
C LEU A 129 -11.85 6.35 20.35
N ARG A 130 -10.84 6.62 19.53
CA ARG A 130 -10.46 5.68 18.49
C ARG A 130 -8.96 5.73 18.17
N VAL A 131 -8.44 4.58 17.77
CA VAL A 131 -7.04 4.46 17.37
C VAL A 131 -7.05 3.60 16.11
N GLY A 132 -6.32 4.03 15.08
CA GLY A 132 -6.30 3.29 13.83
C GLY A 132 -7.61 3.49 13.08
N GLY A 133 -7.95 2.55 12.21
CA GLY A 133 -9.19 2.62 11.46
C GLY A 133 -9.26 3.71 10.40
N ARG A 134 -8.12 4.18 9.90
CA ARG A 134 -8.14 5.24 8.91
C ARG A 134 -7.78 4.82 7.48
N GLY A 135 -8.01 3.55 7.15
CA GLY A 135 -7.72 3.11 5.79
C GLY A 135 -6.53 2.19 5.61
N TRP A 136 -6.48 1.54 4.45
CA TRP A 136 -5.41 0.60 4.14
C TRP A 136 -4.01 1.20 3.98
N LEU A 137 -3.90 2.40 3.42
CA LEU A 137 -2.59 3.01 3.23
C LEU A 137 -2.00 3.59 4.52
N LEU A 138 -2.80 4.37 5.23
CA LEU A 138 -2.36 5.02 6.45
C LEU A 138 -2.39 4.19 7.72
N SER A 139 -3.26 3.21 7.77
CA SER A 139 -3.45 2.47 9.01
C SER A 139 -3.79 1.00 8.80
N ASP A 140 -4.79 0.52 9.53
CA ASP A 140 -5.25 -0.86 9.44
C ASP A 140 -4.22 -1.94 9.74
N ASP A 141 -3.37 -1.73 10.75
CA ASP A 141 -2.39 -2.76 11.11
C ASP A 141 -3.11 -4.03 11.50
N GLY A 142 -2.54 -5.18 11.14
CA GLY A 142 -3.14 -6.45 11.51
C GLY A 142 -4.48 -6.82 10.91
N SER A 143 -4.88 -6.09 9.87
CA SER A 143 -6.14 -6.37 9.19
C SER A 143 -5.89 -7.45 8.14
N ALA A 144 -6.96 -7.92 7.49
CA ALA A 144 -6.82 -8.92 6.45
C ALA A 144 -5.99 -8.33 5.32
N TYR A 145 -6.22 -7.05 5.02
CA TYR A 145 -5.46 -6.39 3.97
C TYR A 145 -3.98 -6.36 4.34
N TRP A 146 -3.69 -5.93 5.56
CA TRP A 146 -2.31 -5.83 6.04
C TRP A 146 -1.59 -7.18 5.90
N VAL A 147 -2.26 -8.24 6.33
CA VAL A 147 -1.72 -9.60 6.26
C VAL A 147 -1.53 -10.05 4.80
N GLY A 148 -2.52 -9.76 3.96
CA GLY A 148 -2.45 -10.12 2.56
C GLY A 148 -1.29 -9.45 1.86
N ARG A 149 -1.07 -8.17 2.15
CA ARG A 149 0.04 -7.44 1.55
C ARG A 149 1.37 -8.06 1.99
N LYS A 150 1.51 -8.37 3.27
CA LYS A 150 2.74 -8.98 3.77
C LYS A 150 3.02 -10.28 3.04
N ALA A 151 1.97 -11.08 2.83
CA ALA A 151 2.12 -12.35 2.15
C ALA A 151 2.58 -12.16 0.70
N LEU A 152 1.96 -11.23 -0.01
CA LEU A 152 2.35 -10.95 -1.39
C LEU A 152 3.82 -10.59 -1.50
N ARG A 153 4.27 -9.70 -0.61
CA ARG A 153 5.65 -9.26 -0.64
C ARG A 153 6.64 -10.38 -0.32
N LYS A 154 6.25 -11.28 0.58
CA LYS A 154 7.10 -12.43 0.91
C LYS A 154 7.16 -13.36 -0.29
N VAL A 155 6.03 -13.57 -0.94
CA VAL A 155 5.97 -14.43 -2.12
C VAL A 155 6.89 -13.91 -3.23
N LEU A 156 6.91 -12.59 -3.41
CA LEU A 156 7.76 -12.00 -4.43
C LEU A 156 9.24 -12.33 -4.12
N LYS A 157 9.64 -12.16 -2.87
CA LYS A 157 11.03 -12.44 -2.51
C LYS A 157 11.40 -13.90 -2.72
N MET A 158 10.42 -14.79 -2.55
CA MET A 158 10.63 -16.21 -2.77
C MET A 158 10.84 -16.44 -4.26
N MET A 159 10.03 -15.76 -5.08
CA MET A 159 10.14 -15.89 -6.53
C MET A 159 11.50 -15.36 -7.01
N ASP A 160 12.02 -14.34 -6.33
CA ASP A 160 13.31 -13.75 -6.69
C ASP A 160 14.48 -14.62 -6.19
N GLY A 161 14.14 -15.66 -5.45
CA GLY A 161 15.17 -16.54 -4.92
C GLY A 161 15.89 -16.00 -3.71
N LEU A 162 15.32 -14.97 -3.08
CA LEU A 162 15.93 -14.36 -1.91
C LEU A 162 15.64 -15.15 -0.65
N GLU A 163 14.52 -15.85 -0.65
CA GLU A 163 14.09 -16.65 0.49
C GLU A 163 13.54 -17.98 -0.01
N ASN A 164 13.59 -18.99 0.84
CA ASN A 164 13.09 -20.31 0.45
C ASN A 164 11.58 -20.29 0.28
N LYS A 165 11.08 -21.02 -0.71
CA LYS A 165 9.65 -21.09 -0.95
C LYS A 165 9.07 -22.00 0.13
N THR A 166 8.03 -21.53 0.80
CA THR A 166 7.38 -22.31 1.83
C THR A 166 5.96 -22.62 1.37
N ILE A 167 5.18 -23.25 2.25
CA ILE A 167 3.79 -23.60 1.94
C ILE A 167 3.01 -22.37 1.51
N LEU A 168 3.31 -21.23 2.10
CA LEU A 168 2.63 -19.98 1.78
C LEU A 168 2.67 -19.68 0.29
N TYR A 169 3.82 -19.93 -0.33
CA TYR A 169 4.01 -19.68 -1.76
C TYR A 169 2.85 -20.22 -2.60
N ASN A 170 2.64 -21.52 -2.53
CA ASN A 170 1.59 -22.18 -3.29
C ASN A 170 0.17 -21.75 -2.89
N LYS A 171 -0.04 -21.55 -1.60
CA LYS A 171 -1.35 -21.13 -1.09
C LYS A 171 -1.78 -19.78 -1.66
N VAL A 172 -0.84 -18.84 -1.70
CA VAL A 172 -1.14 -17.52 -2.24
C VAL A 172 -1.42 -17.57 -3.74
N LEU A 173 -0.55 -18.25 -4.49
CA LEU A 173 -0.73 -18.35 -5.94
C LEU A 173 -2.05 -19.00 -6.29
N LYS A 174 -2.46 -20.01 -5.52
CA LYS A 174 -3.72 -20.69 -5.77
C LYS A 174 -4.89 -19.77 -5.47
N THR A 175 -4.78 -19.00 -4.39
CA THR A 175 -5.84 -18.09 -3.98
C THR A 175 -6.19 -17.03 -5.03
N ILE A 176 -5.20 -16.47 -5.71
CA ILE A 176 -5.47 -15.45 -6.72
C ILE A 176 -5.32 -16.00 -8.14
N ASN A 177 -5.16 -17.31 -8.23
CA ASN A 177 -5.03 -18.00 -9.51
C ASN A 177 -3.94 -17.48 -10.44
N VAL A 178 -2.72 -17.42 -9.94
CA VAL A 178 -1.58 -16.99 -10.75
C VAL A 178 -0.58 -18.13 -10.57
N LYS A 179 0.17 -18.45 -11.63
CA LYS A 179 1.13 -19.55 -11.52
C LYS A 179 2.59 -19.18 -11.46
N ASP A 180 2.93 -17.91 -11.66
CA ASP A 180 4.33 -17.50 -11.62
C ASP A 180 4.51 -15.99 -11.53
N LEU A 181 5.77 -15.56 -11.46
CA LEU A 181 6.08 -14.14 -11.35
C LEU A 181 5.44 -13.32 -12.46
N ASP A 182 5.54 -13.79 -13.69
CA ASP A 182 4.96 -13.09 -14.83
C ASP A 182 3.47 -12.81 -14.61
N GLU A 183 2.73 -13.83 -14.20
CA GLU A 183 1.30 -13.66 -13.97
C GLU A 183 1.02 -12.84 -12.71
N LEU A 184 1.91 -12.90 -11.72
CA LEU A 184 1.71 -12.13 -10.50
C LEU A 184 1.83 -10.64 -10.85
N VAL A 185 2.82 -10.31 -11.66
CA VAL A 185 3.03 -8.92 -12.07
C VAL A 185 1.82 -8.44 -12.86
N MET A 186 1.36 -9.27 -13.79
CA MET A 186 0.19 -8.93 -14.60
C MET A 186 -0.99 -8.66 -13.67
N TRP A 187 -1.11 -9.51 -12.64
CA TRP A 187 -2.16 -9.40 -11.64
C TRP A 187 -2.09 -8.06 -10.91
N SER A 188 -0.87 -7.63 -10.58
CA SER A 188 -0.70 -6.37 -9.86
C SER A 188 -1.16 -5.17 -10.68
N TYR A 189 -1.03 -5.25 -12.00
CA TYR A 189 -1.44 -4.15 -12.87
C TYR A 189 -2.91 -3.77 -12.72
N THR A 190 -3.76 -4.75 -12.46
CA THR A 190 -5.19 -4.49 -12.33
C THR A 190 -5.78 -4.73 -10.94
N SER A 191 -4.98 -5.31 -10.04
CA SER A 191 -5.47 -5.61 -8.70
C SER A 191 -4.84 -4.83 -7.55
N SER A 192 -3.82 -4.04 -7.83
CA SER A 192 -3.12 -3.31 -6.78
C SER A 192 -3.96 -2.37 -5.90
N CYS A 193 -4.97 -1.72 -6.47
CA CYS A 193 -5.80 -0.81 -5.69
C CYS A 193 -7.17 -1.41 -5.34
N GLN A 194 -7.25 -2.73 -5.39
CA GLN A 194 -8.48 -3.44 -5.06
C GLN A 194 -8.36 -4.03 -3.65
N ILE A 195 -8.76 -3.26 -2.66
CA ILE A 195 -8.68 -3.67 -1.26
C ILE A 195 -9.15 -5.09 -0.96
N ASP A 196 -10.36 -5.43 -1.41
CA ASP A 196 -10.93 -6.76 -1.17
C ASP A 196 -10.07 -7.90 -1.69
N LEU A 197 -9.51 -7.75 -2.89
CA LEU A 197 -8.68 -8.78 -3.48
C LEU A 197 -7.44 -9.07 -2.63
N VAL A 198 -6.75 -8.01 -2.23
CA VAL A 198 -5.55 -8.20 -1.41
C VAL A 198 -5.94 -8.85 -0.08
N ALA A 199 -7.02 -8.36 0.53
CA ALA A 199 -7.47 -8.91 1.81
C ALA A 199 -7.85 -10.39 1.72
N SER A 200 -8.31 -10.83 0.55
CA SER A 200 -8.72 -12.22 0.40
C SER A 200 -7.55 -13.18 0.60
N ILE A 201 -6.33 -12.65 0.50
CA ILE A 201 -5.12 -13.46 0.65
C ILE A 201 -4.84 -13.84 2.11
N ALA A 202 -5.44 -13.14 3.06
CA ALA A 202 -5.21 -13.47 4.46
C ALA A 202 -5.67 -14.90 4.70
N LYS A 203 -6.65 -15.35 3.92
CA LYS A 203 -7.16 -16.71 4.04
C LYS A 203 -6.04 -17.71 3.76
N ALA A 204 -5.24 -17.43 2.74
CA ALA A 204 -4.13 -18.30 2.37
C ALA A 204 -3.07 -18.31 3.48
N VAL A 205 -2.88 -17.16 4.13
CA VAL A 205 -1.89 -17.08 5.20
C VAL A 205 -2.34 -17.96 6.37
N ASP A 206 -3.62 -17.91 6.70
CA ASP A 206 -4.15 -18.70 7.80
C ASP A 206 -3.96 -20.19 7.51
N GLU A 207 -4.25 -20.61 6.29
CA GLU A 207 -4.10 -22.02 5.91
C GLU A 207 -2.64 -22.45 6.01
N ALA A 208 -1.75 -21.64 5.47
CA ALA A 208 -0.32 -21.94 5.51
C ALA A 208 0.17 -22.07 6.95
N ALA A 209 -0.29 -21.16 7.81
CA ALA A 209 0.10 -21.17 9.22
C ALA A 209 -0.39 -22.42 9.91
N ASN A 210 -1.64 -22.80 9.67
CA ASN A 210 -2.19 -23.99 10.29
C ASN A 210 -1.41 -25.24 9.85
N GLU A 211 -0.80 -25.15 8.67
CA GLU A 211 -0.02 -26.26 8.15
C GLU A 211 1.44 -26.19 8.60
N GLY A 212 1.70 -25.29 9.54
CA GLY A 212 3.04 -25.15 10.10
C GLY A 212 4.05 -24.26 9.40
N ASP A 213 3.60 -23.37 8.53
CA ASP A 213 4.53 -22.49 7.82
C ASP A 213 5.00 -21.35 8.72
N THR A 214 6.30 -21.32 9.01
CA THR A 214 6.90 -20.30 9.86
C THR A 214 6.67 -18.88 9.32
N VAL A 215 6.80 -18.74 8.00
CA VAL A 215 6.61 -17.43 7.37
C VAL A 215 5.19 -16.90 7.59
N ALA A 216 4.20 -17.78 7.46
CA ALA A 216 2.81 -17.40 7.64
C ALA A 216 2.47 -17.17 9.11
N MET A 217 3.08 -17.97 9.99
CA MET A 217 2.83 -17.80 11.42
C MET A 217 3.37 -16.44 11.85
N ASP A 218 4.53 -16.08 11.32
CA ASP A 218 5.15 -14.82 11.65
C ASP A 218 4.31 -13.62 11.23
N ILE A 219 3.71 -13.69 10.05
CA ILE A 219 2.86 -12.60 9.57
C ILE A 219 1.68 -12.42 10.51
N LEU A 220 1.04 -13.52 10.88
CA LEU A 220 -0.11 -13.44 11.78
C LEU A 220 0.30 -12.96 13.17
N LYS A 221 1.40 -13.48 13.69
CA LYS A 221 1.87 -13.08 15.02
C LYS A 221 2.22 -11.60 15.04
N GLN A 222 2.98 -11.14 14.04
CA GLN A 222 3.37 -9.74 14.00
C GLN A 222 2.19 -8.80 13.79
N GLY A 223 1.26 -9.17 12.91
CA GLY A 223 0.10 -8.33 12.68
C GLY A 223 -0.76 -8.24 13.93
N ALA A 224 -0.99 -9.39 14.57
CA ALA A 224 -1.80 -9.44 15.78
C ALA A 224 -1.21 -8.57 16.89
N GLU A 225 0.10 -8.66 17.06
CA GLU A 225 0.78 -7.88 18.10
C GLU A 225 0.78 -6.39 17.83
N LEU A 226 0.88 -6.00 16.57
CA LEU A 226 0.87 -4.57 16.24
C LEU A 226 -0.49 -3.97 16.62
N LEU A 227 -1.55 -4.70 16.29
CA LEU A 227 -2.89 -4.19 16.59
C LEU A 227 -3.21 -4.34 18.08
N ALA A 228 -2.74 -5.43 18.68
CA ALA A 228 -2.98 -5.66 20.10
C ALA A 228 -2.34 -4.55 20.92
N SER A 229 -1.16 -4.08 20.48
CA SER A 229 -0.47 -3.03 21.21
C SER A 229 -1.36 -1.79 21.24
N GLN A 230 -2.09 -1.56 20.16
CA GLN A 230 -2.98 -0.40 20.10
C GLN A 230 -4.21 -0.61 20.96
N ALA A 231 -4.65 -1.85 21.09
CA ALA A 231 -5.81 -2.19 21.92
C ALA A 231 -5.47 -1.95 23.39
N VAL A 232 -4.26 -2.34 23.79
CA VAL A 232 -3.81 -2.16 25.17
C VAL A 232 -3.75 -0.65 25.46
N TYR A 233 -3.20 0.10 24.51
CA TYR A 233 -3.10 1.55 24.65
C TYR A 233 -4.46 2.18 24.92
N LEU A 234 -5.45 1.86 24.10
CA LEU A 234 -6.78 2.46 24.31
C LEU A 234 -7.43 1.98 25.60
N ALA A 235 -7.27 0.69 25.93
CA ALA A 235 -7.83 0.17 27.18
C ALA A 235 -7.25 0.96 28.36
N ARG A 236 -5.94 1.20 28.32
CA ARG A 236 -5.32 1.96 29.40
C ARG A 236 -5.85 3.39 29.49
N LYS A 237 -6.00 4.04 28.35
CA LYS A 237 -6.51 5.41 28.36
C LYS A 237 -7.95 5.46 28.85
N ILE A 238 -8.74 4.48 28.46
CA ILE A 238 -10.15 4.40 28.86
C ILE A 238 -10.25 4.01 30.33
N GLY A 239 -9.33 3.17 30.78
CA GLY A 239 -9.34 2.74 32.16
C GLY A 239 -10.05 1.41 32.34
N THR A 240 -10.05 0.58 31.30
CA THR A 240 -10.70 -0.72 31.38
C THR A 240 -9.66 -1.83 31.31
N ASN A 241 -9.99 -2.99 31.89
CA ASN A 241 -9.08 -4.13 31.90
C ASN A 241 -9.50 -5.25 30.96
N LYS A 242 -10.53 -5.00 30.17
CA LYS A 242 -10.99 -6.01 29.22
C LYS A 242 -11.24 -5.39 27.86
N VAL A 243 -11.06 -6.18 26.81
CA VAL A 243 -11.27 -5.71 25.45
C VAL A 243 -12.09 -6.75 24.70
N TYR A 244 -12.99 -6.30 23.84
CA TYR A 244 -13.78 -7.22 23.06
C TYR A 244 -13.12 -7.37 21.69
N LEU A 245 -13.19 -8.58 21.14
CA LEU A 245 -12.57 -8.87 19.86
C LEU A 245 -13.60 -9.30 18.81
N LYS A 246 -13.69 -8.53 17.72
CA LYS A 246 -14.65 -8.82 16.65
C LYS A 246 -13.96 -8.75 15.29
N GLY A 247 -14.57 -9.36 14.28
CA GLY A 247 -14.00 -9.32 12.95
C GLY A 247 -13.47 -10.65 12.45
N GLY A 248 -13.44 -10.80 11.13
CA GLY A 248 -12.98 -12.03 10.52
C GLY A 248 -11.57 -12.50 10.85
N MET A 249 -10.68 -11.57 11.18
CA MET A 249 -9.32 -11.98 11.51
C MET A 249 -9.27 -12.86 12.74
N PHE A 250 -10.22 -12.68 13.66
CA PHE A 250 -10.23 -13.49 14.87
C PHE A 250 -10.74 -14.90 14.65
N ARG A 251 -11.19 -15.17 13.42
CA ARG A 251 -11.66 -16.51 13.08
C ARG A 251 -10.41 -17.36 12.81
N SER A 252 -9.27 -16.69 12.70
CA SER A 252 -8.00 -17.37 12.49
C SER A 252 -7.49 -17.79 13.86
N ASN A 253 -7.36 -19.10 14.06
CA ASN A 253 -6.90 -19.63 15.34
C ASN A 253 -5.55 -19.06 15.78
N ILE A 254 -4.59 -19.01 14.86
CA ILE A 254 -3.26 -18.51 15.17
C ILE A 254 -3.25 -17.00 15.47
N TYR A 255 -4.01 -16.23 14.69
CA TYR A 255 -4.06 -14.79 14.90
C TYR A 255 -4.65 -14.52 16.28
N HIS A 256 -5.75 -15.19 16.60
CA HIS A 256 -6.42 -15.02 17.89
C HIS A 256 -5.49 -15.43 19.03
N LYS A 257 -4.73 -16.51 18.85
CA LYS A 257 -3.81 -16.98 19.88
C LYS A 257 -2.76 -15.92 20.22
N PHE A 258 -2.12 -15.38 19.20
CA PHE A 258 -1.09 -14.38 19.44
C PHE A 258 -1.65 -13.05 19.91
N PHE A 259 -2.86 -12.73 19.46
CA PHE A 259 -3.48 -11.48 19.88
C PHE A 259 -3.79 -11.57 21.37
N THR A 260 -4.42 -12.66 21.79
CA THR A 260 -4.76 -12.84 23.20
C THR A 260 -3.54 -13.01 24.10
N LEU A 261 -2.48 -13.62 23.57
CA LEU A 261 -1.27 -13.79 24.36
C LEU A 261 -0.66 -12.44 24.70
N TYR A 262 -0.71 -11.52 23.74
CA TYR A 262 -0.17 -10.19 23.95
C TYR A 262 -1.01 -9.47 25.00
N LEU A 263 -2.32 -9.61 24.89
CA LEU A 263 -3.20 -8.97 25.86
C LEU A 263 -2.97 -9.54 27.26
N GLU A 264 -2.88 -10.86 27.37
CA GLU A 264 -2.67 -11.46 28.68
C GLU A 264 -1.35 -11.07 29.35
N LYS A 265 -0.30 -10.88 28.58
CA LYS A 265 0.98 -10.48 29.18
C LYS A 265 0.83 -9.10 29.81
N GLU A 266 -0.14 -8.33 29.31
CA GLU A 266 -0.39 -7.00 29.83
C GLU A 266 -1.50 -6.99 30.87
N GLY A 267 -2.02 -8.17 31.19
CA GLY A 267 -3.07 -8.28 32.18
C GLY A 267 -4.44 -7.85 31.65
N ILE A 268 -4.64 -7.98 30.35
CA ILE A 268 -5.91 -7.59 29.75
C ILE A 268 -6.74 -8.83 29.40
N ILE A 269 -7.99 -8.84 29.85
CA ILE A 269 -8.91 -9.94 29.58
C ILE A 269 -9.56 -9.67 28.23
N SER A 270 -9.73 -10.73 27.42
CA SER A 270 -10.35 -10.57 26.12
C SER A 270 -11.64 -11.38 26.07
N ASP A 271 -12.53 -10.99 25.16
CA ASP A 271 -13.83 -11.64 25.03
C ASP A 271 -14.30 -11.45 23.59
N LEU A 272 -14.76 -12.53 22.95
CA LEU A 272 -15.24 -12.43 21.57
C LEU A 272 -16.61 -11.73 21.52
N GLY A 273 -17.29 -11.65 22.66
CA GLY A 273 -18.59 -10.99 22.68
C GLY A 273 -19.69 -11.94 22.23
N LYS A 274 -20.94 -11.48 22.25
CA LYS A 274 -22.03 -12.37 21.85
C LYS A 274 -23.28 -11.74 21.25
N ARG A 275 -23.23 -10.45 20.92
CA ARG A 275 -24.41 -9.80 20.35
C ARG A 275 -24.12 -9.13 19.01
N SER A 276 -25.19 -8.69 18.32
CA SER A 276 -25.07 -8.06 17.02
C SER A 276 -24.95 -6.55 17.14
N PRO A 277 -24.37 -5.90 16.11
CA PRO A 277 -24.19 -4.44 16.10
C PRO A 277 -25.52 -3.69 16.16
N GLU A 278 -26.52 -4.16 15.43
CA GLU A 278 -27.83 -3.49 15.42
C GLU A 278 -28.41 -3.40 16.82
N ILE A 279 -28.22 -4.44 17.63
CA ILE A 279 -28.72 -4.41 19.01
C ILE A 279 -27.97 -3.33 19.77
N GLY A 280 -26.69 -3.17 19.44
CA GLY A 280 -25.88 -2.15 20.09
C GLY A 280 -26.41 -0.78 19.72
N ALA A 281 -27.00 -0.67 18.53
CA ALA A 281 -27.57 0.60 18.08
C ALA A 281 -28.84 0.90 18.86
N VAL A 282 -29.58 -0.14 19.21
CA VAL A 282 -30.81 0.02 19.98
C VAL A 282 -30.42 0.46 21.38
N ILE A 283 -29.34 -0.11 21.90
CA ILE A 283 -28.83 0.23 23.23
C ILE A 283 -28.39 1.69 23.22
N LEU A 284 -27.74 2.10 22.14
CA LEU A 284 -27.29 3.48 21.98
C LEU A 284 -28.50 4.42 22.08
N ALA A 285 -29.60 4.04 21.44
CA ALA A 285 -30.82 4.85 21.46
C ALA A 285 -31.46 4.82 22.85
N TYR A 286 -31.49 3.65 23.47
CA TYR A 286 -32.07 3.50 24.80
C TYR A 286 -31.38 4.43 25.80
N LYS A 287 -30.05 4.46 25.75
CA LYS A 287 -29.26 5.30 26.64
C LYS A 287 -29.58 6.78 26.45
N GLU A 288 -29.83 7.14 25.20
CA GLU A 288 -30.13 8.52 24.86
C GLU A 288 -31.49 8.98 25.38
N VAL A 289 -32.53 8.18 25.15
CA VAL A 289 -33.88 8.53 25.58
C VAL A 289 -34.29 8.02 26.96
N GLY A 290 -33.44 7.20 27.56
CA GLY A 290 -33.75 6.71 28.89
C GLY A 290 -34.61 5.46 29.03
N CYS A 291 -34.62 4.58 28.03
CA CYS A 291 -35.40 3.35 28.13
C CYS A 291 -34.51 2.33 28.84
N ASP A 292 -35.13 1.44 29.62
CA ASP A 292 -34.38 0.45 30.39
C ASP A 292 -33.76 -0.69 29.59
N ILE A 293 -32.45 -0.66 29.46
CA ILE A 293 -31.70 -1.66 28.72
C ILE A 293 -31.90 -3.07 29.28
N LYS A 294 -32.20 -3.18 30.57
CA LYS A 294 -32.42 -4.49 31.17
C LYS A 294 -33.67 -5.17 30.63
N LYS A 295 -34.60 -4.38 30.11
CA LYS A 295 -35.83 -4.93 29.53
C LYS A 295 -35.52 -5.43 28.12
N LEU A 296 -34.46 -4.88 27.54
CA LEU A 296 -34.04 -5.26 26.20
C LEU A 296 -33.15 -6.49 26.22
N ILE A 297 -32.17 -6.51 27.12
CA ILE A 297 -31.24 -7.62 27.23
C ILE A 297 -31.45 -8.37 28.55
N SER A 298 -31.44 -9.71 28.48
CA SER A 298 -31.61 -10.54 29.65
C SER A 298 -32.79 -10.07 30.50
N MET B 1 27.97 6.12 -43.75
CA MET B 1 28.26 5.87 -42.31
C MET B 1 27.16 5.01 -41.69
N MET B 2 27.11 5.00 -40.37
CA MET B 2 26.11 4.23 -39.64
C MET B 2 25.61 5.09 -38.49
N ILE B 3 24.30 5.36 -38.47
CA ILE B 3 23.73 6.18 -37.41
C ILE B 3 23.17 5.28 -36.32
N ILE B 4 23.77 5.37 -35.14
CA ILE B 4 23.37 4.57 -33.99
C ILE B 4 22.70 5.47 -32.96
N VAL B 5 21.50 5.09 -32.52
CA VAL B 5 20.76 5.90 -31.56
C VAL B 5 20.45 5.14 -30.26
N GLY B 6 20.80 5.76 -29.15
CA GLY B 6 20.53 5.16 -27.85
C GLY B 6 19.29 5.85 -27.29
N VAL B 7 18.33 5.07 -26.82
CA VAL B 7 17.08 5.63 -26.30
C VAL B 7 16.74 5.24 -24.87
N ASP B 8 16.34 6.21 -24.08
CA ASP B 8 15.90 5.97 -22.71
C ASP B 8 14.41 6.27 -22.73
N ALA B 9 13.59 5.24 -22.91
CA ALA B 9 12.14 5.40 -22.97
C ALA B 9 11.55 5.28 -21.57
N GLY B 10 11.34 6.42 -20.92
CA GLY B 10 10.82 6.42 -19.56
C GLY B 10 9.35 6.70 -19.36
N GLY B 11 8.95 6.78 -18.09
CA GLY B 11 7.55 7.02 -17.75
C GLY B 11 7.07 8.43 -17.92
N THR B 12 7.99 9.39 -17.95
CA THR B 12 7.62 10.80 -18.09
C THR B 12 8.05 11.34 -19.45
N LYS B 13 9.17 10.84 -19.96
CA LYS B 13 9.66 11.30 -21.25
C LYS B 13 10.63 10.30 -21.87
N THR B 14 10.93 10.51 -23.14
CA THR B 14 11.84 9.67 -23.88
C THR B 14 12.97 10.55 -24.37
N LYS B 15 14.21 10.15 -24.08
CA LYS B 15 15.38 10.90 -24.49
C LYS B 15 16.22 10.03 -25.40
N ALA B 16 16.71 10.63 -26.49
CA ALA B 16 17.53 9.90 -27.44
C ALA B 16 18.76 10.70 -27.85
N VAL B 17 19.85 9.97 -28.08
CA VAL B 17 21.10 10.57 -28.52
C VAL B 17 21.63 9.73 -29.66
N ALA B 18 22.09 10.40 -30.71
CA ALA B 18 22.62 9.73 -31.90
C ALA B 18 24.11 9.95 -32.05
N TYR B 19 24.81 8.88 -32.46
CA TYR B 19 26.25 8.88 -32.69
C TYR B 19 26.50 8.02 -33.92
N ASP B 20 27.66 8.19 -34.56
CA ASP B 20 27.96 7.32 -35.69
C ASP B 20 28.72 6.16 -35.04
N CYS B 21 29.35 5.31 -35.84
CA CYS B 21 30.07 4.16 -35.31
C CYS B 21 31.49 4.53 -34.85
N GLU B 22 31.84 5.81 -34.98
CA GLU B 22 33.17 6.28 -34.59
C GLU B 22 33.16 7.14 -33.34
N GLY B 23 32.09 7.06 -32.57
CA GLY B 23 31.99 7.83 -31.33
C GLY B 23 31.67 9.31 -31.51
N ASN B 24 31.37 9.72 -32.73
CA ASN B 24 31.03 11.11 -33.00
C ASN B 24 29.56 11.39 -32.74
N PHE B 25 29.30 12.43 -31.94
CA PHE B 25 27.93 12.83 -31.62
C PHE B 25 27.24 13.39 -32.84
N ILE B 26 25.99 13.01 -33.05
CA ILE B 26 25.22 13.50 -34.20
C ILE B 26 24.14 14.47 -33.75
N GLY B 27 23.38 14.07 -32.74
CA GLY B 27 22.32 14.93 -32.25
C GLY B 27 21.53 14.27 -31.13
N GLU B 28 20.61 15.03 -30.55
CA GLU B 28 19.78 14.53 -29.46
C GLU B 28 18.35 14.93 -29.70
N GLY B 29 17.42 14.19 -29.10
CA GLY B 29 16.02 14.50 -29.25
C GLY B 29 15.21 13.96 -28.10
N SER B 30 14.03 14.52 -27.87
CA SER B 30 13.15 14.09 -26.79
C SER B 30 11.71 14.00 -27.24
N SER B 31 10.90 13.23 -26.52
CA SER B 31 9.50 13.08 -26.83
C SER B 31 8.76 12.65 -25.56
N GLY B 32 7.47 12.33 -25.72
CA GLY B 32 6.66 11.92 -24.58
C GLY B 32 7.08 10.59 -23.97
N PRO B 33 6.34 10.11 -22.97
CA PRO B 33 6.63 8.85 -22.27
C PRO B 33 6.81 7.65 -23.22
N GLY B 34 7.74 6.77 -22.87
CA GLY B 34 7.98 5.59 -23.67
C GLY B 34 7.43 4.36 -22.97
N ASN B 35 6.87 4.57 -21.77
CA ASN B 35 6.29 3.49 -20.97
C ASN B 35 4.84 3.34 -21.46
N TYR B 36 4.55 2.26 -22.16
CA TYR B 36 3.21 2.07 -22.71
C TYR B 36 2.08 1.96 -21.69
N HIS B 37 2.41 1.70 -20.43
CA HIS B 37 1.38 1.61 -19.39
C HIS B 37 0.86 3.01 -19.10
N ASN B 38 1.68 4.02 -19.39
CA ASN B 38 1.31 5.41 -19.14
C ASN B 38 0.62 6.13 -20.30
N VAL B 39 0.94 5.75 -21.52
CA VAL B 39 0.33 6.42 -22.68
C VAL B 39 -0.27 5.48 -23.73
N GLY B 40 -0.23 4.19 -23.47
CA GLY B 40 -0.75 3.24 -24.43
C GLY B 40 0.36 2.76 -25.34
N LEU B 41 0.17 1.60 -25.96
CA LEU B 41 1.19 1.01 -26.82
C LEU B 41 1.56 1.84 -28.06
N THR B 42 0.58 2.23 -28.85
CA THR B 42 0.86 3.00 -30.06
C THR B 42 1.54 4.33 -29.78
N ARG B 43 1.05 5.07 -28.79
CA ARG B 43 1.65 6.38 -28.47
C ARG B 43 3.07 6.22 -27.96
N ALA B 44 3.33 5.16 -27.21
CA ALA B 44 4.66 4.91 -26.67
C ALA B 44 5.63 4.72 -27.84
N ILE B 45 5.22 3.90 -28.80
CA ILE B 45 6.04 3.62 -29.97
C ILE B 45 6.29 4.88 -30.80
N GLU B 46 5.24 5.68 -31.00
CA GLU B 46 5.38 6.91 -31.78
C GLU B 46 6.33 7.88 -31.10
N ASN B 47 6.26 7.97 -29.77
CA ASN B 47 7.15 8.87 -29.03
C ASN B 47 8.60 8.43 -29.17
N ILE B 48 8.84 7.13 -29.10
CA ILE B 48 10.20 6.62 -29.24
C ILE B 48 10.68 6.94 -30.65
N LYS B 49 9.83 6.68 -31.64
CA LYS B 49 10.18 6.95 -33.04
C LYS B 49 10.49 8.44 -33.22
N GLU B 50 9.69 9.30 -32.59
CA GLU B 50 9.88 10.74 -32.70
C GLU B 50 11.23 11.18 -32.12
N ALA B 51 11.56 10.68 -30.94
CA ALA B 51 12.82 11.04 -30.31
C ALA B 51 13.99 10.57 -31.16
N VAL B 52 13.89 9.35 -31.67
CA VAL B 52 14.94 8.78 -32.52
C VAL B 52 15.14 9.63 -33.78
N LYS B 53 14.05 9.97 -34.46
CA LYS B 53 14.14 10.76 -35.69
C LYS B 53 14.76 12.14 -35.47
N ILE B 54 14.42 12.79 -34.36
CA ILE B 54 14.98 14.11 -34.07
C ILE B 54 16.49 13.99 -33.83
N ALA B 55 16.87 13.02 -33.00
CA ALA B 55 18.26 12.79 -32.68
C ALA B 55 19.10 12.40 -33.90
N ALA B 56 18.55 11.52 -34.73
CA ALA B 56 19.26 11.06 -35.92
C ALA B 56 19.12 12.00 -37.12
N LYS B 57 18.28 13.02 -36.99
CA LYS B 57 18.05 13.98 -38.08
C LYS B 57 17.54 13.22 -39.30
N GLY B 58 16.73 12.20 -39.05
CA GLY B 58 16.18 11.38 -40.12
C GLY B 58 16.12 9.94 -39.65
N GLU B 59 16.24 9.00 -40.59
CA GLU B 59 16.19 7.58 -40.23
C GLU B 59 17.48 7.13 -39.56
N ALA B 60 17.36 6.19 -38.63
CA ALA B 60 18.52 5.64 -37.92
C ALA B 60 18.78 4.23 -38.44
N ASP B 61 20.03 3.79 -38.36
CA ASP B 61 20.39 2.46 -38.82
C ASP B 61 20.27 1.44 -37.70
N VAL B 62 20.70 1.84 -36.51
CA VAL B 62 20.65 0.97 -35.34
C VAL B 62 20.09 1.72 -34.15
N VAL B 63 19.18 1.09 -33.42
CA VAL B 63 18.61 1.72 -32.25
C VAL B 63 18.65 0.80 -31.05
N GLY B 64 19.27 1.28 -29.98
CA GLY B 64 19.34 0.51 -28.75
C GLY B 64 18.41 1.26 -27.81
N MET B 65 17.52 0.56 -27.13
CA MET B 65 16.61 1.25 -26.23
C MET B 65 16.40 0.58 -24.88
N GLY B 66 16.32 1.42 -23.85
CA GLY B 66 16.07 0.96 -22.50
C GLY B 66 14.65 1.41 -22.25
N VAL B 67 13.73 0.46 -22.07
CA VAL B 67 12.32 0.77 -21.90
C VAL B 67 11.77 0.45 -20.53
N ALA B 68 11.07 1.41 -19.94
CA ALA B 68 10.45 1.22 -18.63
C ALA B 68 9.07 0.59 -18.85
N GLY B 69 8.64 -0.25 -17.91
CA GLY B 69 7.34 -0.88 -18.03
C GLY B 69 7.32 -2.33 -18.48
N LEU B 70 8.45 -2.85 -18.94
CA LEU B 70 8.51 -4.23 -19.38
C LEU B 70 8.87 -5.11 -18.18
N ASP B 71 7.95 -5.21 -17.23
CA ASP B 71 8.20 -5.97 -16.02
C ASP B 71 7.58 -7.37 -15.95
N SER B 72 7.13 -7.87 -17.10
CA SER B 72 6.55 -9.20 -17.20
C SER B 72 6.71 -9.64 -18.65
N LYS B 73 6.81 -10.94 -18.88
CA LYS B 73 6.97 -11.45 -20.25
C LYS B 73 5.84 -10.94 -21.14
N PHE B 74 4.68 -10.73 -20.53
CA PHE B 74 3.52 -10.25 -21.28
C PHE B 74 3.78 -8.85 -21.84
N ASP B 75 4.55 -8.05 -21.12
CA ASP B 75 4.86 -6.70 -21.58
C ASP B 75 5.78 -6.78 -22.79
N TRP B 76 6.77 -7.67 -22.73
CA TRP B 76 7.71 -7.84 -23.84
C TRP B 76 7.01 -8.30 -25.11
N GLU B 77 6.10 -9.27 -24.97
CA GLU B 77 5.38 -9.79 -26.13
C GLU B 77 4.55 -8.71 -26.79
N ASN B 78 4.02 -7.80 -25.98
CA ASN B 78 3.19 -6.71 -26.49
C ASN B 78 4.02 -5.61 -27.16
N PHE B 79 5.15 -5.28 -26.54
CA PHE B 79 6.04 -4.21 -27.02
C PHE B 79 7.00 -4.52 -28.17
N THR B 80 7.82 -5.55 -27.99
CA THR B 80 8.82 -5.95 -28.98
C THR B 80 8.46 -5.90 -30.46
N PRO B 81 7.38 -6.58 -30.88
CA PRO B 81 6.98 -6.58 -32.28
C PRO B 81 6.85 -5.21 -32.94
N LEU B 82 6.38 -4.23 -32.18
CA LEU B 82 6.20 -2.88 -32.73
C LEU B 82 7.47 -2.03 -32.66
N ALA B 83 8.17 -2.09 -31.54
CA ALA B 83 9.40 -1.33 -31.36
C ALA B 83 10.43 -1.72 -32.42
N SER B 84 10.32 -2.94 -32.92
CA SER B 84 11.23 -3.45 -33.94
C SER B 84 11.10 -2.72 -35.28
N LEU B 85 10.02 -1.97 -35.44
CA LEU B 85 9.78 -1.22 -36.67
C LEU B 85 10.55 0.11 -36.71
N ILE B 86 11.00 0.56 -35.55
CA ILE B 86 11.70 1.83 -35.45
C ILE B 86 12.97 1.94 -36.31
N ALA B 87 13.66 0.83 -36.51
CA ALA B 87 14.87 0.84 -37.33
C ALA B 87 15.20 -0.56 -37.83
N PRO B 88 16.05 -0.65 -38.87
CA PRO B 88 16.46 -1.94 -39.44
C PRO B 88 16.98 -2.89 -38.37
N LYS B 89 17.68 -2.34 -37.39
CA LYS B 89 18.23 -3.14 -36.31
C LYS B 89 17.85 -2.48 -34.99
N VAL B 90 17.16 -3.21 -34.12
CA VAL B 90 16.74 -2.69 -32.83
C VAL B 90 17.07 -3.65 -31.69
N ILE B 91 17.70 -3.12 -30.65
CA ILE B 91 18.07 -3.90 -29.47
C ILE B 91 17.22 -3.34 -28.34
N ILE B 92 16.44 -4.20 -27.69
CA ILE B 92 15.56 -3.77 -26.62
C ILE B 92 15.89 -4.40 -25.27
N GLN B 93 15.99 -3.55 -24.23
CA GLN B 93 16.29 -4.01 -22.88
C GLN B 93 15.52 -3.17 -21.86
N HIS B 94 15.61 -3.57 -20.59
CA HIS B 94 14.95 -2.85 -19.50
C HIS B 94 15.62 -1.50 -19.33
N ASP B 95 14.89 -0.53 -18.80
CA ASP B 95 15.45 0.77 -18.56
C ASP B 95 16.63 0.64 -17.59
N GLY B 96 16.55 -0.37 -16.70
CA GLY B 96 17.61 -0.58 -15.73
C GLY B 96 18.90 -1.08 -16.35
N VAL B 97 18.79 -1.84 -17.43
CA VAL B 97 19.96 -2.37 -18.11
C VAL B 97 20.82 -1.30 -18.79
N ILE B 98 20.19 -0.31 -19.41
CA ILE B 98 21.00 0.73 -20.05
C ILE B 98 21.63 1.59 -18.97
N ALA B 99 20.98 1.70 -17.81
CA ALA B 99 21.53 2.47 -16.72
C ALA B 99 22.78 1.73 -16.24
N LEU B 100 22.73 0.41 -16.26
CA LEU B 100 23.87 -0.41 -15.86
C LEU B 100 25.01 -0.28 -16.86
N PHE B 101 24.71 -0.48 -18.14
CA PHE B 101 25.73 -0.38 -19.18
C PHE B 101 26.37 1.01 -19.27
N ALA B 102 25.64 2.04 -18.84
CA ALA B 102 26.19 3.38 -18.87
C ALA B 102 27.41 3.44 -17.95
N GLU B 103 27.44 2.57 -16.95
CA GLU B 103 28.54 2.54 -16.00
C GLU B 103 29.56 1.42 -16.27
N THR B 104 29.07 0.24 -16.63
CA THR B 104 29.98 -0.89 -16.89
C THR B 104 30.50 -0.92 -18.32
N LEU B 105 29.93 -0.09 -19.18
CA LEU B 105 30.34 -0.03 -20.57
C LEU B 105 30.11 -1.34 -21.33
N GLY B 106 29.09 -2.09 -20.90
CA GLY B 106 28.78 -3.33 -21.58
C GLY B 106 29.35 -4.57 -20.90
N GLU B 107 30.11 -4.35 -19.83
CA GLU B 107 30.71 -5.44 -19.08
C GLU B 107 29.81 -5.88 -17.93
N PRO B 108 30.11 -7.04 -17.33
CA PRO B 108 29.30 -7.54 -16.21
C PRO B 108 29.25 -6.53 -15.07
N GLY B 109 28.16 -6.55 -14.31
CA GLY B 109 28.04 -5.62 -13.20
C GLY B 109 26.65 -5.62 -12.59
N VAL B 110 26.48 -4.80 -11.57
CA VAL B 110 25.21 -4.71 -10.88
C VAL B 110 24.90 -3.25 -10.58
N VAL B 111 23.64 -2.85 -10.75
CA VAL B 111 23.27 -1.47 -10.46
C VAL B 111 22.00 -1.45 -9.63
N VAL B 112 21.96 -0.54 -8.66
CA VAL B 112 20.79 -0.39 -7.80
C VAL B 112 20.16 0.93 -8.21
N ILE B 113 18.88 0.91 -8.53
CA ILE B 113 18.20 2.14 -8.90
C ILE B 113 17.08 2.34 -7.91
N ALA B 114 17.24 3.34 -7.05
CA ALA B 114 16.26 3.64 -6.02
C ALA B 114 15.66 5.03 -6.19
N GLY B 115 14.51 5.08 -6.85
CA GLY B 115 13.81 6.34 -7.07
C GLY B 115 12.39 6.16 -6.55
N THR B 116 11.40 6.42 -7.41
CA THR B 116 10.01 6.25 -7.01
C THR B 116 9.81 4.78 -6.67
N GLY B 117 10.45 3.91 -7.44
CA GLY B 117 10.39 2.48 -7.21
C GLY B 117 11.84 2.06 -6.96
N SER B 118 12.09 0.76 -6.85
CA SER B 118 13.46 0.30 -6.64
C SER B 118 13.69 -1.02 -7.36
N VAL B 119 14.94 -1.27 -7.71
CA VAL B 119 15.29 -2.50 -8.40
C VAL B 119 16.80 -2.69 -8.39
N VAL B 120 17.23 -3.95 -8.53
CA VAL B 120 18.64 -4.27 -8.60
C VAL B 120 18.75 -5.02 -9.93
N GLU B 121 19.51 -4.46 -10.85
CA GLU B 121 19.69 -5.05 -12.18
C GLU B 121 21.11 -5.59 -12.30
N GLY B 122 21.26 -6.71 -13.01
CA GLY B 122 22.57 -7.29 -13.17
C GLY B 122 22.81 -7.93 -14.54
N TYR B 123 24.08 -8.07 -14.88
CA TYR B 123 24.49 -8.66 -16.15
C TYR B 123 25.73 -9.50 -15.86
N ASN B 124 25.74 -10.75 -16.31
CA ASN B 124 26.88 -11.63 -16.07
C ASN B 124 27.70 -11.92 -17.32
N GLY B 125 27.48 -11.15 -18.38
CA GLY B 125 28.22 -11.37 -19.61
C GLY B 125 27.40 -12.12 -20.64
N LYS B 126 26.31 -12.73 -20.18
CA LYS B 126 25.44 -13.48 -21.08
C LYS B 126 23.98 -13.24 -20.73
N GLU B 127 23.62 -13.44 -19.47
CA GLU B 127 22.24 -13.23 -19.05
C GLU B 127 22.07 -11.96 -18.24
N PHE B 128 20.86 -11.40 -18.29
CA PHE B 128 20.52 -10.22 -17.52
C PHE B 128 19.68 -10.74 -16.37
N LEU B 129 19.98 -10.28 -15.16
CA LEU B 129 19.26 -10.72 -13.97
C LEU B 129 18.65 -9.55 -13.24
N ARG B 130 17.65 -9.83 -12.42
CA ARG B 130 16.97 -8.80 -11.66
C ARG B 130 16.28 -9.34 -10.41
N VAL B 131 16.25 -8.50 -9.37
CA VAL B 131 15.55 -8.83 -8.13
C VAL B 131 14.80 -7.56 -7.78
N GLY B 132 13.57 -7.71 -7.30
CA GLY B 132 12.76 -6.55 -6.97
C GLY B 132 12.27 -5.86 -8.22
N GLY B 133 11.95 -4.57 -8.10
CA GLY B 133 11.46 -3.82 -9.24
C GLY B 133 10.12 -4.24 -9.80
N ARG B 134 9.27 -4.86 -8.98
CA ARG B 134 7.97 -5.31 -9.48
C ARG B 134 6.76 -4.48 -9.04
N GLY B 135 6.98 -3.19 -8.73
CA GLY B 135 5.85 -2.35 -8.35
C GLY B 135 5.72 -1.99 -6.88
N TRP B 136 4.95 -0.96 -6.60
CA TRP B 136 4.77 -0.48 -5.23
C TRP B 136 4.14 -1.45 -4.24
N LEU B 137 3.13 -2.20 -4.68
CA LEU B 137 2.46 -3.14 -3.78
C LEU B 137 3.27 -4.39 -3.45
N LEU B 138 3.79 -5.04 -4.49
CA LEU B 138 4.54 -6.27 -4.35
C LEU B 138 6.00 -6.14 -3.93
N SER B 139 6.64 -5.05 -4.34
CA SER B 139 8.08 -4.89 -4.10
C SER B 139 8.52 -3.46 -3.80
N ASP B 140 9.60 -3.05 -4.46
CA ASP B 140 10.15 -1.70 -4.32
C ASP B 140 10.59 -1.33 -2.91
N ASP B 141 11.25 -2.25 -2.22
CA ASP B 141 11.77 -1.99 -0.87
C ASP B 141 12.74 -0.81 -0.94
N GLY B 142 12.68 0.05 0.07
CA GLY B 142 13.60 1.18 0.12
C GLY B 142 13.50 2.22 -0.97
N SER B 143 12.39 2.23 -1.70
CA SER B 143 12.19 3.23 -2.75
C SER B 143 11.59 4.46 -2.06
N ALA B 144 11.44 5.54 -2.82
CA ALA B 144 10.86 6.75 -2.25
C ALA B 144 9.42 6.44 -1.85
N TYR B 145 8.74 5.62 -2.64
CA TYR B 145 7.36 5.26 -2.31
C TYR B 145 7.33 4.54 -0.97
N TRP B 146 8.18 3.51 -0.86
CA TRP B 146 8.26 2.71 0.35
C TRP B 146 8.51 3.60 1.57
N VAL B 147 9.44 4.54 1.44
CA VAL B 147 9.79 5.46 2.51
C VAL B 147 8.62 6.39 2.85
N GLY B 148 7.96 6.91 1.82
CA GLY B 148 6.83 7.80 2.04
C GLY B 148 5.69 7.11 2.77
N ARG B 149 5.45 5.85 2.42
CA ARG B 149 4.39 5.09 3.07
C ARG B 149 4.71 4.90 4.55
N LYS B 150 5.95 4.51 4.85
CA LYS B 150 6.34 4.33 6.25
C LYS B 150 6.15 5.64 7.03
N ALA B 151 6.50 6.75 6.39
CA ALA B 151 6.37 8.06 7.02
C ALA B 151 4.90 8.36 7.31
N LEU B 152 4.05 8.16 6.31
CA LEU B 152 2.61 8.39 6.50
C LEU B 152 2.06 7.59 7.67
N ARG B 153 2.43 6.31 7.72
CA ARG B 153 1.93 5.44 8.78
C ARG B 153 2.45 5.83 10.16
N LYS B 154 3.67 6.35 10.21
CA LYS B 154 4.24 6.79 11.48
C LYS B 154 3.48 8.04 11.95
N VAL B 155 3.21 8.95 11.01
CA VAL B 155 2.50 10.19 11.33
C VAL B 155 1.10 9.91 11.88
N LEU B 156 0.43 8.91 11.32
CA LEU B 156 -0.92 8.57 11.77
C LEU B 156 -0.85 8.12 13.23
N LYS B 157 0.15 7.32 13.57
CA LYS B 157 0.26 6.86 14.94
C LYS B 157 0.57 8.01 15.89
N MET B 158 1.29 9.01 15.39
CA MET B 158 1.59 10.17 16.21
C MET B 158 0.28 10.92 16.46
N MET B 159 -0.55 11.05 15.42
CA MET B 159 -1.82 11.74 15.55
C MET B 159 -2.72 11.00 16.53
N ASP B 160 -2.57 9.67 16.58
CA ASP B 160 -3.37 8.84 17.49
C ASP B 160 -2.87 8.91 18.92
N GLY B 161 -1.71 9.54 19.12
CA GLY B 161 -1.16 9.66 20.46
C GLY B 161 -0.38 8.44 20.92
N LEU B 162 -0.12 7.51 20.00
CA LEU B 162 0.62 6.30 20.33
C LEU B 162 2.10 6.60 20.58
N GLU B 163 2.60 7.64 19.92
CA GLU B 163 3.98 8.06 20.07
C GLU B 163 4.05 9.57 19.92
N ASN B 164 5.07 10.19 20.51
CA ASN B 164 5.19 11.64 20.42
C ASN B 164 5.50 12.12 19.01
N LYS B 165 5.07 13.34 18.70
CA LYS B 165 5.30 13.92 17.39
C LYS B 165 6.76 14.36 17.30
N THR B 166 7.36 14.14 16.13
CA THR B 166 8.75 14.52 15.89
C THR B 166 8.77 15.47 14.71
N ILE B 167 9.96 15.95 14.33
CA ILE B 167 10.09 16.86 13.21
C ILE B 167 9.43 16.31 11.94
N LEU B 168 9.47 14.99 11.78
CA LEU B 168 8.87 14.33 10.63
C LEU B 168 7.41 14.71 10.43
N TYR B 169 6.68 14.78 11.54
CA TYR B 169 5.25 15.13 11.53
C TYR B 169 4.94 16.35 10.64
N ASN B 170 5.49 17.50 10.98
CA ASN B 170 5.22 18.70 10.20
C ASN B 170 5.76 18.60 8.77
N LYS B 171 6.93 17.99 8.61
CA LYS B 171 7.53 17.84 7.29
C LYS B 171 6.60 17.09 6.33
N VAL B 172 6.04 15.98 6.80
CA VAL B 172 5.14 15.19 5.97
C VAL B 172 3.88 15.99 5.63
N LEU B 173 3.26 16.58 6.64
CA LEU B 173 2.05 17.37 6.43
C LEU B 173 2.25 18.51 5.44
N LYS B 174 3.39 19.19 5.53
CA LYS B 174 3.67 20.30 4.63
C LYS B 174 3.79 19.81 3.19
N THR B 175 4.44 18.65 3.00
CA THR B 175 4.63 18.10 1.67
C THR B 175 3.32 17.81 0.92
N ILE B 176 2.35 17.23 1.60
CA ILE B 176 1.07 16.91 0.96
C ILE B 176 -0.02 17.94 1.26
N ASN B 177 0.38 19.04 1.89
CA ASN B 177 -0.55 20.13 2.21
C ASN B 177 -1.78 19.75 3.04
N VAL B 178 -1.55 19.09 4.17
CA VAL B 178 -2.63 18.72 5.09
C VAL B 178 -2.26 19.29 6.45
N LYS B 179 -3.25 19.71 7.22
CA LYS B 179 -2.96 20.32 8.53
C LYS B 179 -3.26 19.47 9.75
N ASP B 180 -4.06 18.43 9.59
CA ASP B 180 -4.42 17.58 10.72
C ASP B 180 -4.93 16.22 10.27
N LEU B 181 -5.35 15.40 11.23
CA LEU B 181 -5.84 14.06 10.95
C LEU B 181 -7.04 14.07 10.01
N ASP B 182 -7.98 14.97 10.27
CA ASP B 182 -9.17 15.06 9.43
C ASP B 182 -8.81 15.28 7.97
N GLU B 183 -7.87 16.20 7.71
CA GLU B 183 -7.47 16.48 6.35
C GLU B 183 -6.60 15.36 5.76
N LEU B 184 -5.87 14.66 6.62
CA LEU B 184 -5.03 13.55 6.14
C LEU B 184 -5.94 12.43 5.64
N VAL B 185 -6.99 12.13 6.40
CA VAL B 185 -7.93 11.08 6.01
C VAL B 185 -8.61 11.46 4.69
N MET B 186 -9.01 12.73 4.58
CA MET B 186 -9.67 13.18 3.35
C MET B 186 -8.67 13.03 2.19
N TRP B 187 -7.42 13.37 2.45
CA TRP B 187 -6.37 13.24 1.46
C TRP B 187 -6.26 11.80 0.97
N SER B 188 -6.37 10.85 1.90
CA SER B 188 -6.26 9.43 1.54
C SER B 188 -7.40 8.95 0.67
N TYR B 189 -8.54 9.62 0.73
CA TYR B 189 -9.70 9.22 -0.07
C TYR B 189 -9.44 9.36 -1.57
N THR B 190 -8.63 10.34 -1.95
CA THR B 190 -8.35 10.56 -3.37
C THR B 190 -6.89 10.41 -3.79
N SER B 191 -6.00 10.23 -2.82
CA SER B 191 -4.58 10.13 -3.13
C SER B 191 -3.89 8.83 -2.76
N SER B 192 -4.63 7.89 -2.16
CA SER B 192 -4.02 6.63 -1.75
C SER B 192 -3.35 5.85 -2.87
N CYS B 193 -3.83 5.99 -4.10
CA CYS B 193 -3.19 5.26 -5.19
C CYS B 193 -2.40 6.13 -6.16
N GLN B 194 -1.99 7.30 -5.69
CA GLN B 194 -1.18 8.22 -6.48
C GLN B 194 0.28 7.97 -6.04
N ILE B 195 0.92 7.05 -6.74
CA ILE B 195 2.30 6.66 -6.43
C ILE B 195 3.31 7.79 -6.31
N ASP B 196 3.32 8.69 -7.29
CA ASP B 196 4.26 9.81 -7.26
C ASP B 196 4.10 10.68 -6.01
N LEU B 197 2.84 10.90 -5.63
CA LEU B 197 2.53 11.74 -4.46
C LEU B 197 3.09 11.13 -3.17
N VAL B 198 2.87 9.84 -2.98
CA VAL B 198 3.37 9.16 -1.79
C VAL B 198 4.89 9.21 -1.78
N ALA B 199 5.49 8.99 -2.95
CA ALA B 199 6.95 9.01 -3.10
C ALA B 199 7.56 10.37 -2.77
N SER B 200 6.84 11.46 -3.05
CA SER B 200 7.36 12.80 -2.79
C SER B 200 7.61 13.02 -1.30
N ILE B 201 6.98 12.21 -0.47
CA ILE B 201 7.13 12.33 0.97
C ILE B 201 8.52 11.91 1.47
N ALA B 202 9.23 11.13 0.64
CA ALA B 202 10.57 10.68 1.01
C ALA B 202 11.47 11.88 1.30
N LYS B 203 11.26 12.98 0.57
CA LYS B 203 12.06 14.18 0.77
C LYS B 203 11.88 14.72 2.19
N ALA B 204 10.65 14.63 2.70
CA ALA B 204 10.34 15.10 4.05
C ALA B 204 11.09 14.25 5.07
N VAL B 205 11.16 12.94 4.81
CA VAL B 205 11.85 12.05 5.73
C VAL B 205 13.35 12.39 5.74
N ASP B 206 13.90 12.69 4.57
CA ASP B 206 15.31 13.03 4.48
C ASP B 206 15.62 14.31 5.25
N GLU B 207 14.77 15.33 5.09
CA GLU B 207 15.00 16.59 5.79
C GLU B 207 14.89 16.38 7.29
N ALA B 208 13.90 15.60 7.72
CA ALA B 208 13.71 15.34 9.15
C ALA B 208 14.93 14.62 9.72
N ALA B 209 15.44 13.64 8.99
CA ALA B 209 16.60 12.88 9.43
C ALA B 209 17.82 13.78 9.57
N ASN B 210 18.03 14.67 8.60
CA ASN B 210 19.18 15.58 8.67
C ASN B 210 19.07 16.50 9.87
N GLU B 211 17.84 16.82 10.26
CA GLU B 211 17.58 17.69 11.39
C GLU B 211 17.59 16.98 12.74
N GLY B 212 18.01 15.71 12.75
CA GLY B 212 18.11 14.97 13.98
C GLY B 212 16.95 14.11 14.44
N ASP B 213 15.96 13.91 13.57
CA ASP B 213 14.81 13.09 13.92
C ASP B 213 15.19 11.62 13.76
N THR B 214 15.32 10.89 14.87
CA THR B 214 15.70 9.49 14.81
C THR B 214 14.61 8.57 14.25
N VAL B 215 13.36 9.00 14.33
CA VAL B 215 12.26 8.21 13.78
C VAL B 215 12.42 8.19 12.26
N ALA B 216 12.80 9.35 11.70
CA ALA B 216 13.02 9.48 10.27
C ALA B 216 14.26 8.68 9.88
N MET B 217 15.29 8.75 10.71
CA MET B 217 16.53 8.03 10.45
C MET B 217 16.29 6.52 10.35
N ASP B 218 15.46 6.01 11.26
CA ASP B 218 15.18 4.58 11.27
C ASP B 218 14.44 4.12 10.03
N ILE B 219 13.59 4.98 9.49
CA ILE B 219 12.87 4.61 8.28
C ILE B 219 13.90 4.47 7.14
N LEU B 220 14.83 5.42 7.07
CA LEU B 220 15.84 5.38 6.03
C LEU B 220 16.73 4.15 6.20
N LYS B 221 17.05 3.82 7.45
CA LYS B 221 17.88 2.66 7.74
C LYS B 221 17.20 1.37 7.26
N GLN B 222 15.94 1.17 7.68
CA GLN B 222 15.22 -0.03 7.30
C GLN B 222 15.09 -0.18 5.79
N GLY B 223 14.74 0.91 5.11
CA GLY B 223 14.60 0.84 3.67
C GLY B 223 15.93 0.55 2.98
N ALA B 224 16.96 1.29 3.34
CA ALA B 224 18.26 1.11 2.72
C ALA B 224 18.81 -0.30 2.93
N GLU B 225 18.66 -0.85 4.13
CA GLU B 225 19.18 -2.19 4.39
C GLU B 225 18.39 -3.30 3.69
N LEU B 226 17.10 -3.10 3.52
CA LEU B 226 16.26 -4.09 2.84
C LEU B 226 16.66 -4.20 1.37
N LEU B 227 16.96 -3.06 0.76
CA LEU B 227 17.36 -3.02 -0.63
C LEU B 227 18.82 -3.40 -0.79
N ALA B 228 19.65 -2.96 0.15
CA ALA B 228 21.08 -3.27 0.11
C ALA B 228 21.30 -4.78 0.19
N SER B 229 20.46 -5.48 0.95
CA SER B 229 20.59 -6.93 1.08
C SER B 229 20.36 -7.60 -0.28
N GLN B 230 19.45 -7.03 -1.06
CA GLN B 230 19.15 -7.57 -2.39
C GLN B 230 20.31 -7.28 -3.34
N ALA B 231 20.93 -6.12 -3.17
CA ALA B 231 22.06 -5.74 -4.01
C ALA B 231 23.20 -6.71 -3.75
N VAL B 232 23.42 -7.03 -2.47
CA VAL B 232 24.48 -7.96 -2.10
C VAL B 232 24.21 -9.33 -2.70
N TYR B 233 22.97 -9.78 -2.62
CA TYR B 233 22.60 -11.07 -3.17
C TYR B 233 22.94 -11.17 -4.65
N LEU B 234 22.52 -10.19 -5.43
CA LEU B 234 22.78 -10.23 -6.87
C LEU B 234 24.26 -10.07 -7.19
N ALA B 235 24.96 -9.21 -6.46
CA ALA B 235 26.39 -9.02 -6.69
C ALA B 235 27.11 -10.35 -6.46
N ARG B 236 26.77 -11.03 -5.37
CA ARG B 236 27.37 -12.31 -5.03
C ARG B 236 27.01 -13.36 -6.09
N LYS B 237 25.78 -13.30 -6.59
CA LYS B 237 25.32 -14.25 -7.61
C LYS B 237 26.05 -14.07 -8.93
N ILE B 238 26.22 -12.82 -9.35
CA ILE B 238 26.89 -12.48 -10.60
C ILE B 238 28.41 -12.69 -10.51
N GLY B 239 28.96 -12.39 -9.34
CA GLY B 239 30.39 -12.54 -9.15
C GLY B 239 31.15 -11.23 -9.23
N THR B 240 30.58 -10.18 -8.64
CA THR B 240 31.24 -8.87 -8.62
C THR B 240 31.16 -8.31 -7.21
N ASN B 241 32.20 -7.59 -6.81
CA ASN B 241 32.20 -6.98 -5.50
C ASN B 241 32.00 -5.48 -5.59
N LYS B 242 31.49 -5.03 -6.73
CA LYS B 242 31.21 -3.62 -6.94
C LYS B 242 29.78 -3.44 -7.44
N VAL B 243 29.10 -2.43 -6.91
CA VAL B 243 27.74 -2.15 -7.31
C VAL B 243 27.60 -0.64 -7.53
N TYR B 244 26.85 -0.26 -8.56
CA TYR B 244 26.62 1.14 -8.86
C TYR B 244 25.29 1.55 -8.27
N LEU B 245 25.22 2.77 -7.76
CA LEU B 245 24.00 3.28 -7.13
C LEU B 245 23.43 4.48 -7.87
N LYS B 246 22.15 4.40 -8.25
CA LYS B 246 21.49 5.49 -8.95
C LYS B 246 20.08 5.72 -8.39
N GLY B 247 19.55 6.91 -8.63
CA GLY B 247 18.20 7.21 -8.17
C GLY B 247 18.15 8.28 -7.09
N GLY B 248 16.99 8.93 -7.00
CA GLY B 248 16.79 9.99 -6.02
C GLY B 248 17.04 9.64 -4.56
N MET B 249 16.75 8.41 -4.15
CA MET B 249 16.97 8.06 -2.77
C MET B 249 18.42 8.24 -2.35
N PHE B 250 19.35 8.08 -3.28
CA PHE B 250 20.77 8.24 -2.94
C PHE B 250 21.20 9.69 -2.75
N ARG B 251 20.26 10.62 -2.97
CA ARG B 251 20.53 12.03 -2.76
C ARG B 251 20.39 12.28 -1.26
N SER B 252 19.77 11.33 -0.57
CA SER B 252 19.61 11.42 0.88
C SER B 252 20.94 10.97 1.48
N ASN B 253 21.60 11.86 2.20
CA ASN B 253 22.89 11.53 2.78
C ASN B 253 22.84 10.35 3.75
N ILE B 254 21.87 10.36 4.67
CA ILE B 254 21.75 9.29 5.64
C ILE B 254 21.33 7.96 5.01
N TYR B 255 20.44 8.02 4.01
CA TYR B 255 20.03 6.79 3.34
C TYR B 255 21.25 6.17 2.65
N HIS B 256 22.02 7.02 1.97
CA HIS B 256 23.22 6.54 1.28
C HIS B 256 24.23 5.95 2.26
N LYS B 257 24.35 6.57 3.44
CA LYS B 257 25.31 6.08 4.43
C LYS B 257 24.90 4.70 4.97
N PHE B 258 23.64 4.55 5.35
CA PHE B 258 23.20 3.24 5.83
C PHE B 258 23.39 2.20 4.73
N PHE B 259 23.12 2.61 3.50
CA PHE B 259 23.26 1.69 2.37
C PHE B 259 24.72 1.25 2.19
N THR B 260 25.64 2.21 2.16
CA THR B 260 27.05 1.86 1.96
C THR B 260 27.66 1.15 3.17
N LEU B 261 27.20 1.50 4.37
CA LEU B 261 27.71 0.82 5.55
C LEU B 261 27.35 -0.66 5.46
N TYR B 262 26.15 -0.94 4.94
CA TYR B 262 25.69 -2.31 4.80
C TYR B 262 26.53 -3.04 3.74
N LEU B 263 26.72 -2.41 2.59
CA LEU B 263 27.53 -3.02 1.53
C LEU B 263 28.95 -3.31 2.01
N GLU B 264 29.54 -2.34 2.72
CA GLU B 264 30.91 -2.47 3.21
C GLU B 264 31.07 -3.66 4.15
N LYS B 265 30.10 -3.85 5.05
CA LYS B 265 30.17 -4.95 5.98
C LYS B 265 30.12 -6.27 5.20
N GLU B 266 29.51 -6.23 4.02
CA GLU B 266 29.39 -7.42 3.18
C GLU B 266 30.52 -7.52 2.14
N GLY B 267 31.52 -6.65 2.27
CA GLY B 267 32.65 -6.67 1.36
C GLY B 267 32.38 -6.16 -0.05
N ILE B 268 31.41 -5.25 -0.18
CA ILE B 268 31.05 -4.70 -1.48
C ILE B 268 31.39 -3.22 -1.57
N ILE B 269 32.02 -2.81 -2.67
CA ILE B 269 32.36 -1.40 -2.86
C ILE B 269 31.28 -0.82 -3.78
N SER B 270 31.05 0.48 -3.68
CA SER B 270 30.03 1.10 -4.50
C SER B 270 30.46 2.42 -5.12
N ASP B 271 29.81 2.75 -6.23
CA ASP B 271 30.07 3.98 -6.97
C ASP B 271 28.74 4.60 -7.37
N LEU B 272 28.63 5.92 -7.25
CA LEU B 272 27.40 6.60 -7.64
C LEU B 272 27.39 6.72 -9.16
N GLY B 273 26.19 6.78 -9.74
CA GLY B 273 26.06 6.91 -11.18
C GLY B 273 26.96 7.99 -11.75
N LYS B 274 27.45 7.76 -12.96
CA LYS B 274 28.35 8.71 -13.61
C LYS B 274 27.87 9.12 -15.00
N ARG B 275 27.20 8.23 -15.70
CA ARG B 275 26.71 8.53 -17.05
C ARG B 275 25.19 8.46 -17.17
N SER B 276 24.68 8.98 -18.28
CA SER B 276 23.25 8.98 -18.53
C SER B 276 22.81 7.63 -19.09
N PRO B 277 21.54 7.27 -18.87
CA PRO B 277 21.05 5.98 -19.38
C PRO B 277 21.08 5.91 -20.92
N GLU B 278 20.79 7.02 -21.59
CA GLU B 278 20.81 7.01 -23.05
C GLU B 278 22.18 6.63 -23.61
N ILE B 279 23.26 7.07 -22.98
CA ILE B 279 24.58 6.70 -23.48
C ILE B 279 24.76 5.19 -23.25
N GLY B 280 24.14 4.68 -22.21
CA GLY B 280 24.21 3.26 -21.92
C GLY B 280 23.50 2.49 -23.03
N ALA B 281 22.49 3.12 -23.62
CA ALA B 281 21.73 2.51 -24.71
C ALA B 281 22.60 2.51 -25.98
N VAL B 282 23.37 3.57 -26.17
CA VAL B 282 24.26 3.64 -27.33
C VAL B 282 25.28 2.51 -27.16
N ILE B 283 25.74 2.32 -25.93
CA ILE B 283 26.71 1.27 -25.62
C ILE B 283 26.09 -0.09 -25.91
N LEU B 284 24.83 -0.25 -25.56
CA LEU B 284 24.12 -1.51 -25.81
C LEU B 284 24.14 -1.78 -27.31
N ALA B 285 23.86 -0.76 -28.11
CA ALA B 285 23.87 -0.89 -29.57
C ALA B 285 25.27 -1.22 -30.07
N TYR B 286 26.26 -0.45 -29.61
CA TYR B 286 27.66 -0.65 -30.01
C TYR B 286 28.09 -2.10 -29.83
N LYS B 287 27.77 -2.67 -28.67
CA LYS B 287 28.11 -4.07 -28.36
C LYS B 287 27.51 -5.00 -29.39
N GLU B 288 26.27 -4.72 -29.77
CA GLU B 288 25.54 -5.54 -30.73
C GLU B 288 26.10 -5.49 -32.15
N VAL B 289 26.32 -4.28 -32.66
CA VAL B 289 26.81 -4.11 -34.03
C VAL B 289 28.32 -4.05 -34.21
N GLY B 290 29.06 -4.19 -33.11
CA GLY B 290 30.51 -4.18 -33.20
C GLY B 290 31.26 -2.86 -33.33
N CYS B 291 30.68 -1.78 -32.85
CA CYS B 291 31.39 -0.50 -32.90
C CYS B 291 32.21 -0.37 -31.62
N ASP B 292 33.42 0.13 -31.76
CA ASP B 292 34.35 0.26 -30.62
C ASP B 292 33.89 1.24 -29.55
N ILE B 293 33.56 0.71 -28.38
CA ILE B 293 33.11 1.54 -27.26
C ILE B 293 34.22 2.50 -26.80
N LYS B 294 35.47 2.16 -27.11
CA LYS B 294 36.59 3.00 -26.73
C LYS B 294 36.49 4.37 -27.41
N LYS B 295 35.99 4.37 -28.64
CA LYS B 295 35.85 5.60 -29.41
C LYS B 295 34.71 6.46 -28.90
N LEU B 296 33.77 5.84 -28.20
CA LEU B 296 32.60 6.54 -27.67
C LEU B 296 32.88 7.12 -26.30
N ILE B 297 33.37 6.28 -25.39
CA ILE B 297 33.67 6.71 -24.03
C ILE B 297 35.18 6.75 -23.81
#